data_7BN8
#
_entry.id   7BN8
#
_cell.length_a   60.440
_cell.length_b   72.426
_cell.length_c   79.347
_cell.angle_alpha   90.000
_cell.angle_beta   90.000
_cell.angle_gamma   90.000
#
_symmetry.space_group_name_H-M   'P 21 21 21'
#
loop_
_entity.id
_entity.type
_entity.pdbx_description
1 polymer 'Palmitoleoyl-protein carboxylesterase NOTUM'
2 non-polymer 2-acetamido-2-deoxy-beta-D-glucopyranose
3 non-polymer 'SULFATE ION'
4 non-polymer '4H,5H-naphtho[1,2-b]thiophene-2-carboxylic acid'
5 water water
#
_entity_poly.entity_id   1
_entity_poly.type   'polypeptide(L)'
_entity_poly.pdbx_seq_one_letter_code
;ETGSAQQLNEDLRLHLLLNTSVTCNDGSPAGYYLKESRGSRRWLLFLEGGWYCFNRENCDSRYDTMRRLMSSRDWPRTRT
GTGILSSQPEENPYWWNANMVFIPYCSSDVWSGASSKSEKNEYAFMGALIIQEVVRELLGRGLSGAKVLLLAGSSAGGTG
VLLNVDRVAEQLEKLGYPAIQVRGLADSGWFLDNKQYRHTDCVDTITCAPTEAIRRGIRYWNGVVPERCRRQFQEGEEWN
CFFGYKVYPTLRSPVFVVQWLFDEAQLTVDNVHLTGQPVQEGLRLYIQNLGRELRHTLKDVPASFAPACLSHEIIIRSHW
TDVQVKGTSLPRALHCWDRSLHDSHKASKTPLKGCPVHLVDSCPWPHCNPSCPTGTKHHHHHH
;
_entity_poly.pdbx_strand_id   A
#
loop_
_chem_comp.id
_chem_comp.type
_chem_comp.name
_chem_comp.formula
NAG D-saccharide, beta linking 2-acetamido-2-deoxy-beta-D-glucopyranose 'C8 H15 N O6'
SO4 non-polymer 'SULFATE ION' 'O4 S -2'
U4T non-polymer '4H,5H-naphtho[1,2-b]thiophene-2-carboxylic acid' 'C13 H10 O2 S'
#
# COMPACT_ATOMS: atom_id res chain seq x y z
N ASP A 11 19.41 -8.38 7.28
CA ASP A 11 18.44 -9.37 6.80
C ASP A 11 17.24 -9.49 7.71
N LEU A 12 16.07 -9.66 7.12
CA LEU A 12 14.85 -9.96 7.83
C LEU A 12 14.58 -11.47 7.73
N ARG A 13 14.16 -12.08 8.84
CA ARG A 13 14.08 -13.53 8.95
C ARG A 13 12.62 -14.00 8.88
N LEU A 14 12.38 -15.09 8.15
CA LEU A 14 11.01 -15.60 7.92
C LEU A 14 10.44 -16.32 9.16
N HIS A 15 9.18 -16.01 9.50
CA HIS A 15 8.36 -16.80 10.42
C HIS A 15 7.02 -17.09 9.75
N LEU A 16 6.65 -18.36 9.66
CA LEU A 16 5.32 -18.71 9.17
C LEU A 16 4.33 -18.62 10.32
N LEU A 17 3.08 -18.26 9.99
CA LEU A 17 2.10 -18.05 11.04
C LEU A 17 1.85 -19.35 11.80
N LEU A 18 1.83 -19.24 13.13
CA LEU A 18 1.52 -20.38 13.98
C LEU A 18 0.05 -20.77 13.88
N ASN A 19 -0.83 -19.80 13.62
CA ASN A 19 -2.22 -20.12 13.30
C ASN A 19 -2.27 -20.50 11.82
N THR A 20 -2.23 -21.79 11.55
CA THR A 20 -2.10 -22.23 10.17
C THR A 20 -3.42 -22.28 9.42
N SER A 21 -4.52 -21.85 10.07
CA SER A 21 -5.76 -21.56 9.38
C SER A 21 -5.71 -20.28 8.56
N VAL A 22 -4.73 -19.43 8.80
CA VAL A 22 -4.58 -18.17 8.07
C VAL A 22 -3.59 -18.44 6.96
N THR A 23 -4.09 -18.49 5.73
CA THR A 23 -3.31 -19.07 4.65
C THR A 23 -3.21 -18.13 3.45
N CYS A 24 -2.19 -18.41 2.64
CA CYS A 24 -2.06 -17.92 1.27
C CYS A 24 -3.14 -18.51 0.36
N ASN A 25 -3.10 -18.15 -0.95
CA ASN A 25 -4.18 -18.58 -1.85
C ASN A 25 -4.33 -20.10 -1.88
N ASP A 26 -3.21 -20.84 -1.81
CA ASP A 26 -3.30 -22.29 -2.04
C ASP A 26 -3.42 -23.10 -0.76
N GLY A 27 -3.68 -22.47 0.39
CA GLY A 27 -3.79 -23.21 1.63
C GLY A 27 -2.51 -23.34 2.44
N SER A 28 -1.35 -22.96 1.87
CA SER A 28 -0.08 -22.96 2.61
C SER A 28 -0.06 -21.79 3.61
N PRO A 29 0.71 -21.89 4.70
CA PRO A 29 0.64 -20.83 5.71
C PRO A 29 1.21 -19.51 5.18
N ALA A 30 0.56 -18.41 5.58
CA ALA A 30 1.13 -17.08 5.38
C ALA A 30 2.22 -16.83 6.42
N GLY A 31 2.81 -15.63 6.41
CA GLY A 31 3.94 -15.37 7.26
C GLY A 31 4.36 -13.90 7.21
N TYR A 32 5.52 -13.65 7.81
CA TYR A 32 6.14 -12.32 7.85
C TYR A 32 7.65 -12.46 8.04
N TYR A 33 8.41 -11.45 7.59
CA TYR A 33 9.86 -11.38 7.78
C TYR A 33 10.15 -10.31 8.82
N LEU A 34 11.03 -10.60 9.78
CA LEU A 34 11.21 -9.73 10.94
C LEU A 34 12.68 -9.47 11.20
N LYS A 35 13.03 -8.20 11.41
CA LYS A 35 14.32 -7.85 12.04
C LYS A 35 14.05 -6.94 13.22
N GLU A 36 14.39 -7.39 14.42
CA GLU A 36 14.07 -6.65 15.63
C GLU A 36 15.15 -5.61 15.93
N SER A 37 14.76 -4.56 16.63
CA SER A 37 15.70 -3.53 17.09
C SER A 37 15.44 -3.34 18.58
N ARG A 38 16.32 -3.90 19.42
CA ARG A 38 16.04 -3.96 20.85
C ARG A 38 15.99 -2.58 21.48
N GLY A 39 16.63 -1.58 20.89
CA GLY A 39 16.64 -0.26 21.47
C GLY A 39 15.54 0.68 20.99
N SER A 40 14.53 0.19 20.26
CA SER A 40 13.54 1.05 19.62
C SER A 40 12.11 0.64 19.99
N ARG A 41 11.24 1.64 20.07
CA ARG A 41 9.82 1.37 20.27
C ARG A 41 8.99 1.71 19.05
N ARG A 42 9.62 1.84 17.88
CA ARG A 42 8.95 2.05 16.61
C ARG A 42 8.90 0.75 15.83
N TRP A 43 7.76 0.48 15.22
CA TRP A 43 7.51 -0.76 14.47
C TRP A 43 6.98 -0.41 13.09
N LEU A 44 7.61 -0.95 12.04
CA LEU A 44 7.25 -0.70 10.65
C LEU A 44 6.77 -2.01 10.05
N LEU A 45 5.49 -2.07 9.67
CA LEU A 45 4.92 -3.26 9.04
C LEU A 45 4.60 -2.90 7.59
N PHE A 46 5.34 -3.50 6.64
CA PHE A 46 5.24 -3.15 5.23
C PHE A 46 4.44 -4.19 4.46
N LEU A 47 3.40 -3.76 3.72
CA LEU A 47 2.60 -4.66 2.86
C LEU A 47 3.14 -4.65 1.43
N GLU A 48 3.57 -5.83 0.94
CA GLU A 48 3.99 -5.97 -0.45
C GLU A 48 2.79 -5.83 -1.40
N GLY A 49 3.06 -5.35 -2.62
CA GLY A 49 2.07 -5.26 -3.68
C GLY A 49 2.26 -6.32 -4.79
N GLY A 50 1.57 -6.12 -5.91
CA GLY A 50 1.62 -7.08 -7.02
C GLY A 50 0.30 -7.41 -7.72
N TRP A 51 -0.52 -6.40 -8.01
CA TRP A 51 -1.83 -6.58 -8.72
C TRP A 51 -2.74 -7.52 -7.91
N TYR A 52 -3.49 -8.42 -8.57
CA TYR A 52 -4.56 -9.23 -7.96
C TYR A 52 -5.13 -10.15 -9.04
N CYS A 53 -6.04 -11.05 -8.65
CA CYS A 53 -6.78 -11.82 -9.64
C CYS A 53 -8.24 -11.90 -9.22
N PHE A 54 -9.16 -11.94 -10.20
CA PHE A 54 -10.57 -11.79 -9.82
C PHE A 54 -11.50 -12.90 -10.30
N ASN A 55 -11.01 -13.96 -10.93
CA ASN A 55 -11.85 -15.13 -11.16
C ASN A 55 -10.97 -16.39 -11.17
N ARG A 56 -11.62 -17.53 -11.36
CA ARG A 56 -10.90 -18.81 -11.38
C ARG A 56 -9.87 -18.85 -12.50
N GLU A 57 -10.26 -18.51 -13.73
CA GLU A 57 -9.34 -18.62 -14.87
C GLU A 57 -8.13 -17.73 -14.68
N ASN A 58 -8.36 -16.51 -14.22
CA ASN A 58 -7.27 -15.54 -14.08
C ASN A 58 -6.39 -15.87 -12.87
N CYS A 59 -6.97 -16.44 -11.80
CA CYS A 59 -6.14 -16.90 -10.68
C CYS A 59 -5.34 -18.15 -11.03
N ASP A 60 -5.91 -19.06 -11.85
CA ASP A 60 -5.17 -20.24 -12.30
C ASP A 60 -3.93 -19.82 -13.09
N SER A 61 -4.06 -18.81 -13.93
CA SER A 61 -2.92 -18.33 -14.72
C SER A 61 -1.84 -17.75 -13.81
N ARG A 62 -2.23 -16.89 -12.87
CA ARG A 62 -1.32 -16.40 -11.84
C ARG A 62 -0.60 -17.53 -11.10
N TYR A 63 -1.29 -18.65 -10.86
CA TYR A 63 -0.66 -19.73 -10.10
C TYR A 63 0.46 -20.38 -10.91
N ASP A 64 0.39 -20.31 -12.24
CA ASP A 64 1.40 -20.92 -13.10
C ASP A 64 2.68 -20.11 -13.16
N THR A 65 2.58 -18.79 -13.16
CA THR A 65 3.75 -17.99 -13.43
C THR A 65 4.04 -16.91 -12.39
N MET A 66 3.24 -16.83 -11.32
CA MET A 66 3.45 -15.87 -10.23
C MET A 66 3.20 -16.55 -8.89
N ARG A 67 3.74 -17.78 -8.76
CA ARG A 67 3.31 -18.63 -7.67
C ARG A 67 3.75 -18.10 -6.30
N ARG A 68 4.86 -17.38 -6.22
CA ARG A 68 5.25 -16.80 -4.92
C ARG A 68 4.27 -15.74 -4.42
N LEU A 69 3.44 -15.16 -5.31
CA LEU A 69 2.34 -14.28 -4.87
C LEU A 69 1.05 -15.04 -4.53
N MET A 70 1.12 -16.39 -4.46
CA MET A 70 -0.04 -17.22 -4.14
C MET A 70 0.23 -18.34 -3.13
N SER A 71 1.45 -18.44 -2.60
CA SER A 71 1.91 -19.65 -1.94
C SER A 71 3.22 -19.35 -1.21
N SER A 72 3.38 -19.92 -0.01
CA SER A 72 4.64 -19.75 0.72
C SER A 72 5.61 -20.91 0.50
N ARG A 73 5.24 -21.89 -0.32
CA ARG A 73 6.01 -23.13 -0.43
C ARG A 73 7.46 -22.88 -0.87
N ASP A 74 7.70 -21.87 -1.71
CA ASP A 74 9.04 -21.61 -2.25
C ASP A 74 9.68 -20.33 -1.70
N TRP A 75 9.17 -19.78 -0.59
CA TRP A 75 9.76 -18.56 -0.02
C TRP A 75 11.15 -18.82 0.56
N PRO A 76 12.07 -17.87 0.45
CA PRO A 76 13.39 -18.05 1.05
C PRO A 76 13.34 -17.70 2.54
N ARG A 77 14.37 -18.17 3.25
CA ARG A 77 14.40 -17.99 4.70
C ARG A 77 14.71 -16.55 5.10
N THR A 78 15.32 -15.74 4.22
CA THR A 78 15.64 -14.36 4.58
C THR A 78 15.32 -13.44 3.40
N ARG A 79 15.25 -12.14 3.71
CA ARG A 79 15.07 -11.07 2.74
C ARG A 79 15.87 -9.87 3.23
N THR A 80 16.53 -9.17 2.30
CA THR A 80 17.31 -7.97 2.64
C THR A 80 16.39 -6.75 2.72
N GLY A 81 16.53 -5.97 3.77
CA GLY A 81 15.75 -4.73 3.89
C GLY A 81 16.35 -3.63 3.04
N THR A 82 15.51 -3.02 2.18
CA THR A 82 15.90 -1.93 1.30
C THR A 82 14.99 -0.73 1.50
N GLY A 83 15.55 0.46 1.23
CA GLY A 83 14.75 1.69 1.33
C GLY A 83 14.33 1.97 2.76
N ILE A 84 13.02 2.13 2.98
CA ILE A 84 12.52 2.40 4.33
C ILE A 84 12.65 1.20 5.25
N LEU A 85 12.90 0.00 4.69
CA LEU A 85 13.18 -1.20 5.48
C LEU A 85 14.68 -1.43 5.71
N SER A 86 15.53 -0.50 5.28
CA SER A 86 16.97 -0.64 5.53
C SER A 86 17.32 -0.16 6.95
N SER A 87 18.30 -0.83 7.55
CA SER A 87 18.79 -0.50 8.89
C SER A 87 20.00 0.43 8.90
N GLN A 88 20.46 0.91 7.71
CA GLN A 88 21.60 1.83 7.56
C GLN A 88 21.12 3.28 7.45
N PRO A 89 21.65 4.20 8.28
CA PRO A 89 21.22 5.61 8.19
C PRO A 89 21.44 6.21 6.82
N GLU A 90 22.50 5.80 6.12
CA GLU A 90 22.78 6.37 4.79
C GLU A 90 21.66 6.06 3.80
N GLU A 91 21.10 4.84 3.84
CA GLU A 91 20.02 4.46 2.93
C GLU A 91 18.64 4.85 3.46
N ASN A 92 18.49 4.94 4.79
CA ASN A 92 17.18 5.19 5.43
C ASN A 92 17.37 6.25 6.51
N PRO A 93 17.43 7.52 6.12
CA PRO A 93 17.52 8.60 7.13
C PRO A 93 16.32 8.70 8.07
N TYR A 94 15.16 8.20 7.66
CA TYR A 94 13.91 8.33 8.41
C TYR A 94 13.88 7.43 9.64
N TRP A 95 13.83 6.10 9.45
CA TRP A 95 13.52 5.15 10.53
C TRP A 95 14.50 3.98 10.57
N TRP A 96 15.79 4.25 10.39
CA TRP A 96 16.79 3.18 10.27
C TRP A 96 16.88 2.31 11.52
N ASN A 97 16.55 2.85 12.70
CA ASN A 97 16.65 2.09 13.94
C ASN A 97 15.36 1.38 14.38
N ALA A 98 14.32 1.34 13.53
CA ALA A 98 13.05 0.71 13.87
C ALA A 98 13.11 -0.82 13.78
N ASN A 99 12.17 -1.48 14.46
CA ASN A 99 11.85 -2.87 14.18
C ASN A 99 11.16 -2.99 12.82
N MET A 100 11.65 -3.88 11.96
CA MET A 100 11.25 -3.96 10.56
C MET A 100 10.48 -5.25 10.29
N VAL A 101 9.31 -5.13 9.66
CA VAL A 101 8.49 -6.27 9.26
C VAL A 101 8.10 -6.14 7.78
N PHE A 102 8.36 -7.20 7.00
CA PHE A 102 7.92 -7.30 5.59
C PHE A 102 6.86 -8.40 5.53
N ILE A 103 5.63 -8.07 5.13
CA ILE A 103 4.55 -9.05 5.04
C ILE A 103 4.37 -9.41 3.56
N PRO A 104 4.73 -10.62 3.14
CA PRO A 104 4.56 -10.98 1.73
C PRO A 104 3.08 -11.01 1.35
N TYR A 105 2.81 -10.59 0.11
CA TYR A 105 1.47 -10.55 -0.47
C TYR A 105 1.24 -11.91 -1.13
N CYS A 106 0.43 -12.78 -0.50
CA CYS A 106 0.16 -14.08 -1.11
C CYS A 106 -1.34 -14.36 -1.19
N SER A 107 -2.17 -13.29 -1.16
CA SER A 107 -3.62 -13.43 -1.15
C SER A 107 -4.34 -12.84 -2.38
N SER A 108 -3.64 -12.14 -3.29
CA SER A 108 -4.22 -11.70 -4.58
C SER A 108 -5.54 -10.93 -4.44
N ASP A 109 -5.80 -10.29 -3.28
CA ASP A 109 -7.10 -9.69 -3.01
C ASP A 109 -6.98 -8.23 -2.57
N VAL A 110 -5.93 -7.54 -3.00
CA VAL A 110 -5.64 -6.18 -2.51
C VAL A 110 -5.71 -6.10 -0.96
N TRP A 111 -5.40 -7.19 -0.26
CA TRP A 111 -5.38 -7.23 1.23
C TRP A 111 -6.79 -7.05 1.84
N SER A 112 -7.83 -7.46 1.13
CA SER A 112 -9.20 -7.20 1.56
C SER A 112 -10.00 -8.45 1.92
N GLY A 113 -9.46 -9.66 1.72
CA GLY A 113 -10.30 -10.84 1.77
C GLY A 113 -10.42 -11.44 3.15
N ALA A 114 -11.55 -12.12 3.38
CA ALA A 114 -11.77 -12.87 4.61
C ALA A 114 -12.41 -14.22 4.32
N SER A 115 -11.86 -14.97 3.35
CA SER A 115 -12.51 -16.17 2.83
C SER A 115 -11.54 -17.35 2.78
N SER A 116 -11.96 -18.48 3.36
CA SER A 116 -11.17 -19.70 3.44
C SER A 116 -11.30 -20.56 2.17
N LYS A 117 -10.27 -21.36 1.90
CA LYS A 117 -10.36 -22.39 0.87
C LYS A 117 -11.22 -23.55 1.41
N SER A 118 -12.08 -24.11 0.56
CA SER A 118 -13.11 -25.07 1.00
C SER A 118 -13.62 -25.87 -0.19
N GLU A 119 -14.64 -26.72 0.05
CA GLU A 119 -15.18 -27.50 -1.06
C GLU A 119 -15.83 -26.61 -2.12
N LYS A 120 -16.22 -25.37 -1.77
CA LYS A 120 -16.80 -24.45 -2.74
C LYS A 120 -15.80 -23.40 -3.26
N ASN A 121 -14.60 -23.32 -2.69
CA ASN A 121 -13.62 -22.29 -3.05
C ASN A 121 -12.28 -22.97 -3.38
N GLU A 122 -11.83 -22.83 -4.64
CA GLU A 122 -10.50 -23.34 -5.03
C GLU A 122 -9.36 -22.60 -4.34
N TYR A 123 -9.53 -21.31 -4.07
CA TYR A 123 -8.50 -20.50 -3.41
C TYR A 123 -9.02 -19.85 -2.14
N ALA A 124 -8.09 -19.63 -1.19
CA ALA A 124 -8.36 -18.80 -0.02
C ALA A 124 -7.96 -17.36 -0.33
N PHE A 125 -8.81 -16.41 0.08
CA PHE A 125 -8.49 -14.99 -0.02
C PHE A 125 -8.56 -14.40 1.38
N MET A 126 -7.42 -14.26 2.05
CA MET A 126 -7.43 -13.94 3.48
C MET A 126 -6.58 -12.72 3.84
N GLY A 127 -6.33 -11.81 2.90
CA GLY A 127 -5.44 -10.67 3.18
C GLY A 127 -5.77 -9.87 4.45
N ALA A 128 -7.06 -9.56 4.68
CA ALA A 128 -7.40 -8.76 5.86
C ALA A 128 -7.09 -9.52 7.16
N LEU A 129 -7.27 -10.84 7.16
CA LEU A 129 -7.01 -11.69 8.32
C LEU A 129 -5.52 -11.96 8.51
N ILE A 130 -4.77 -11.98 7.41
CA ILE A 130 -3.31 -12.11 7.52
C ILE A 130 -2.72 -10.93 8.28
N ILE A 131 -3.13 -9.71 7.92
CA ILE A 131 -2.67 -8.52 8.64
C ILE A 131 -2.99 -8.63 10.13
N GLN A 132 -4.24 -8.98 10.46
CA GLN A 132 -4.63 -9.07 11.87
C GLN A 132 -3.84 -10.13 12.61
N GLU A 133 -3.50 -11.24 11.92
CA GLU A 133 -2.81 -12.32 12.60
C GLU A 133 -1.34 -12.01 12.79
N VAL A 134 -0.72 -11.33 11.82
CA VAL A 134 0.66 -10.87 12.04
C VAL A 134 0.72 -9.94 13.24
N VAL A 135 -0.20 -8.98 13.32
CA VAL A 135 -0.20 -8.06 14.47
C VAL A 135 -0.32 -8.85 15.77
N ARG A 136 -1.22 -9.84 15.78
CA ARG A 136 -1.43 -10.60 17.00
C ARG A 136 -0.18 -11.37 17.42
N GLU A 137 0.49 -12.03 16.48
CA GLU A 137 1.67 -12.81 16.87
C GLU A 137 2.87 -11.91 17.16
N LEU A 138 2.94 -10.71 16.60
CA LEU A 138 4.04 -9.81 16.94
C LEU A 138 3.94 -9.21 18.34
N LEU A 139 2.73 -9.04 18.90
CA LEU A 139 2.66 -8.46 20.25
C LEU A 139 3.53 -9.25 21.23
N GLY A 140 3.63 -10.56 21.06
CA GLY A 140 4.47 -11.39 21.92
C GLY A 140 5.96 -11.38 21.60
N ARG A 141 6.36 -10.73 20.51
CA ARG A 141 7.78 -10.57 20.17
C ARG A 141 8.28 -9.15 20.38
N GLY A 142 7.54 -8.33 21.12
CA GLY A 142 7.96 -6.98 21.42
C GLY A 142 7.00 -5.88 21.02
N LEU A 143 6.03 -6.13 20.11
CA LEU A 143 5.12 -5.06 19.68
C LEU A 143 4.29 -4.51 20.84
N SER A 144 4.09 -5.32 21.88
CA SER A 144 3.37 -4.84 23.06
C SER A 144 4.05 -3.67 23.73
N GLY A 145 5.34 -3.45 23.46
CA GLY A 145 6.04 -2.32 24.04
C GLY A 145 6.15 -1.11 23.14
N ALA A 146 5.44 -1.10 22.01
CA ALA A 146 5.58 -0.09 20.98
C ALA A 146 4.93 1.22 21.39
N LYS A 147 5.48 2.32 20.85
CA LYS A 147 4.81 3.62 20.89
C LYS A 147 4.22 4.07 19.56
N VAL A 148 4.76 3.61 18.42
CA VAL A 148 4.19 3.93 17.11
C VAL A 148 4.21 2.64 16.30
N LEU A 149 3.10 2.35 15.62
CA LEU A 149 3.04 1.28 14.62
C LEU A 149 2.70 1.94 13.28
N LEU A 150 3.66 1.95 12.34
CA LEU A 150 3.44 2.52 11.03
C LEU A 150 3.16 1.37 10.07
N LEU A 151 1.92 1.31 9.55
CA LEU A 151 1.52 0.32 8.54
C LEU A 151 1.74 0.96 7.18
N ALA A 152 2.73 0.45 6.45
CA ALA A 152 3.15 0.98 5.16
C ALA A 152 2.91 -0.06 4.07
N GLY A 153 2.96 0.39 2.81
CA GLY A 153 2.77 -0.53 1.67
C GLY A 153 2.89 0.19 0.35
N SER A 154 3.24 -0.59 -0.70
CA SER A 154 3.41 -0.09 -2.06
C SER A 154 2.46 -0.80 -3.03
N SER A 155 1.94 -0.05 -4.00
CA SER A 155 1.07 -0.59 -5.08
C SER A 155 -0.19 -1.16 -4.43
N ALA A 156 -0.53 -2.43 -4.68
CA ALA A 156 -1.68 -3.03 -4.01
C ALA A 156 -1.54 -2.99 -2.51
N GLY A 157 -0.30 -3.02 -2.01
CA GLY A 157 -0.07 -2.85 -0.57
C GLY A 157 -0.38 -1.46 -0.06
N GLY A 158 -0.15 -0.43 -0.88
CA GLY A 158 -0.58 0.92 -0.50
C GLY A 158 -2.10 1.04 -0.42
N THR A 159 -2.84 0.47 -1.38
CA THR A 159 -4.29 0.45 -1.23
C THR A 159 -4.68 -0.35 0.02
N GLY A 160 -3.93 -1.41 0.31
CA GLY A 160 -4.15 -2.20 1.50
C GLY A 160 -3.99 -1.45 2.81
N VAL A 161 -3.06 -0.51 2.87
CA VAL A 161 -2.96 0.38 4.04
C VAL A 161 -4.27 1.12 4.26
N LEU A 162 -4.82 1.74 3.19
CA LEU A 162 -6.07 2.50 3.32
C LEU A 162 -7.24 1.62 3.74
N LEU A 163 -7.26 0.35 3.30
CA LEU A 163 -8.35 -0.57 3.68
C LEU A 163 -8.22 -1.12 5.08
N ASN A 164 -7.00 -1.16 5.66
CA ASN A 164 -6.75 -1.89 6.90
C ASN A 164 -6.24 -1.06 8.09
N VAL A 165 -5.76 0.17 7.90
CA VAL A 165 -5.12 0.87 9.02
C VAL A 165 -6.10 1.09 10.20
N ASP A 166 -7.34 1.50 9.92
CA ASP A 166 -8.30 1.71 11.01
C ASP A 166 -8.67 0.41 11.73
N ARG A 167 -8.64 -0.73 11.02
CA ARG A 167 -8.93 -2.00 11.66
C ARG A 167 -7.80 -2.45 12.57
N VAL A 168 -6.54 -2.21 12.18
CA VAL A 168 -5.41 -2.50 13.07
C VAL A 168 -5.52 -1.67 14.35
N ALA A 169 -5.88 -0.39 14.22
CA ALA A 169 -6.04 0.48 15.39
C ALA A 169 -7.16 -0.02 16.29
N GLU A 170 -8.30 -0.42 15.72
CA GLU A 170 -9.40 -0.94 16.54
C GLU A 170 -9.02 -2.26 17.21
N GLN A 171 -8.27 -3.11 16.50
CA GLN A 171 -7.82 -4.41 17.03
C GLN A 171 -6.95 -4.22 18.27
N LEU A 172 -6.05 -3.24 18.23
CA LEU A 172 -5.18 -3.00 19.40
C LEU A 172 -5.94 -2.35 20.54
N GLU A 173 -6.92 -1.51 20.25
CA GLU A 173 -7.69 -0.88 21.34
C GLU A 173 -8.52 -1.92 22.06
N LYS A 174 -9.07 -2.89 21.34
CA LYS A 174 -9.88 -3.92 21.97
C LYS A 174 -9.05 -4.98 22.66
N LEU A 175 -7.78 -5.14 22.28
CA LEU A 175 -6.87 -6.06 22.95
C LEU A 175 -6.20 -5.46 24.20
N GLY A 176 -6.46 -4.20 24.52
CA GLY A 176 -5.94 -3.59 25.74
C GLY A 176 -4.71 -2.73 25.56
N TYR A 177 -4.41 -2.30 24.34
CA TYR A 177 -3.21 -1.54 24.02
C TYR A 177 -3.57 -0.17 23.43
N PRO A 178 -4.30 0.67 24.17
CA PRO A 178 -4.66 1.98 23.62
C PRO A 178 -3.46 2.90 23.42
N ALA A 179 -2.32 2.62 24.08
CA ALA A 179 -1.18 3.54 24.03
C ALA A 179 -0.43 3.51 22.70
N ILE A 180 -0.49 2.41 21.95
CA ILE A 180 0.24 2.32 20.68
C ILE A 180 -0.46 3.19 19.65
N GLN A 181 0.29 4.11 19.03
CA GLN A 181 -0.32 4.98 18.01
C GLN A 181 -0.15 4.35 16.64
N VAL A 182 -1.25 4.10 15.95
CA VAL A 182 -1.24 3.48 14.63
C VAL A 182 -1.37 4.58 13.57
N ARG A 183 -0.49 4.52 12.55
CA ARG A 183 -0.43 5.47 11.44
C ARG A 183 -0.30 4.66 10.15
N GLY A 184 -0.62 5.28 9.02
CA GLY A 184 -0.47 4.64 7.73
C GLY A 184 0.44 5.42 6.80
N LEU A 185 1.14 4.68 5.94
CA LEU A 185 1.94 5.21 4.83
C LEU A 185 1.53 4.49 3.54
N ALA A 186 0.79 5.15 2.66
CA ALA A 186 0.25 4.53 1.43
C ALA A 186 0.97 5.05 0.18
N ASP A 187 1.79 4.18 -0.43
CA ASP A 187 2.70 4.46 -1.56
C ASP A 187 2.17 3.83 -2.85
N SER A 188 1.93 4.68 -3.86
CA SER A 188 1.51 4.22 -5.21
C SER A 188 0.23 3.39 -5.16
N GLY A 189 -0.65 3.66 -4.20
CA GLY A 189 -1.93 2.98 -4.18
C GLY A 189 -3.16 3.86 -4.26
N TRP A 190 -2.98 5.08 -4.75
CA TRP A 190 -4.01 6.14 -4.86
C TRP A 190 -4.42 6.29 -6.35
N PHE A 191 -5.46 5.57 -6.76
CA PHE A 191 -5.89 5.49 -8.15
C PHE A 191 -7.17 6.25 -8.39
N LEU A 192 -7.40 6.59 -9.67
CA LEU A 192 -8.59 7.26 -10.17
C LEU A 192 -9.45 6.29 -11.00
N ASP A 193 -10.76 6.31 -10.75
CA ASP A 193 -11.72 5.56 -11.57
C ASP A 193 -12.14 6.40 -12.78
N ASN A 194 -11.18 6.65 -13.67
CA ASN A 194 -11.42 7.54 -14.81
C ASN A 194 -11.73 6.75 -16.09
N LYS A 195 -12.09 7.49 -17.14
CA LYS A 195 -12.25 6.90 -18.47
C LYS A 195 -10.89 6.57 -19.09
N GLN A 196 -10.79 5.41 -19.74
CA GLN A 196 -9.59 5.03 -20.48
C GLN A 196 -9.36 5.94 -21.69
N TYR A 197 -8.08 6.10 -22.08
CA TYR A 197 -7.75 6.85 -23.29
C TYR A 197 -8.28 6.16 -24.55
N ARG A 198 -8.08 4.84 -24.64
CA ARG A 198 -8.64 4.02 -25.72
C ARG A 198 -9.25 2.79 -25.06
N HIS A 199 -10.48 2.46 -25.44
CA HIS A 199 -11.22 1.39 -24.75
C HIS A 199 -10.63 0.01 -25.02
N THR A 200 -10.69 -0.86 -24.00
CA THR A 200 -10.32 -2.26 -24.15
C THR A 200 -11.37 -3.16 -23.51
N ASP A 201 -11.23 -4.47 -23.75
CA ASP A 201 -12.03 -5.49 -23.09
C ASP A 201 -11.36 -5.90 -21.78
N CYS A 202 -12.18 -6.19 -20.77
CA CYS A 202 -11.64 -6.54 -19.46
C CYS A 202 -11.00 -7.93 -19.48
N CYS A 208 -7.70 -3.93 -18.12
CA CYS A 208 -9.09 -3.79 -17.73
C CYS A 208 -9.30 -2.49 -16.97
N ALA A 209 -10.45 -1.88 -17.17
CA ALA A 209 -10.76 -0.64 -16.47
C ALA A 209 -10.82 -0.89 -14.97
N PRO A 210 -10.18 -0.05 -14.15
CA PRO A 210 -10.07 -0.35 -12.71
C PRO A 210 -11.42 -0.66 -12.05
N THR A 211 -12.47 0.10 -12.40
CA THR A 211 -13.77 -0.04 -11.76
C THR A 211 -14.33 -1.46 -11.87
N GLU A 212 -14.36 -2.02 -13.09
CA GLU A 212 -15.03 -3.31 -13.24
C GLU A 212 -14.23 -4.46 -12.62
N ALA A 213 -12.90 -4.38 -12.67
CA ALA A 213 -12.08 -5.45 -12.09
C ALA A 213 -12.34 -5.57 -10.59
N ILE A 214 -12.36 -4.43 -9.89
CA ILE A 214 -12.59 -4.41 -8.44
C ILE A 214 -14.00 -4.92 -8.09
N ARG A 215 -15.01 -4.52 -8.87
CA ARG A 215 -16.37 -4.99 -8.62
C ARG A 215 -16.44 -6.52 -8.62
N ARG A 216 -15.79 -7.18 -9.59
CA ARG A 216 -15.84 -8.65 -9.61
C ARG A 216 -15.03 -9.26 -8.47
N GLY A 217 -13.85 -8.70 -8.23
CA GLY A 217 -12.97 -9.23 -7.18
C GLY A 217 -13.63 -9.26 -5.81
N ILE A 218 -14.29 -8.16 -5.41
CA ILE A 218 -14.91 -8.09 -4.09
C ILE A 218 -15.85 -9.25 -3.85
N ARG A 219 -16.70 -9.53 -4.85
CA ARG A 219 -17.60 -10.67 -4.72
C ARG A 219 -16.81 -11.98 -4.68
N TYR A 220 -15.80 -12.11 -5.54
CA TYR A 220 -15.01 -13.35 -5.57
C TYR A 220 -14.25 -13.57 -4.28
N TRP A 221 -13.76 -12.51 -3.64
CA TRP A 221 -12.95 -12.65 -2.45
C TRP A 221 -13.74 -12.64 -1.17
N ASN A 222 -15.01 -12.21 -1.22
CA ASN A 222 -15.72 -11.79 -0.02
C ASN A 222 -14.92 -10.69 0.70
N GLY A 223 -14.57 -9.65 -0.07
CA GLY A 223 -13.66 -8.64 0.44
C GLY A 223 -14.34 -7.71 1.42
N VAL A 224 -13.55 -7.11 2.32
CA VAL A 224 -14.10 -6.26 3.37
C VAL A 224 -13.44 -4.89 3.26
N VAL A 225 -14.21 -3.85 3.61
CA VAL A 225 -13.76 -2.46 3.48
C VAL A 225 -13.99 -1.75 4.83
N PRO A 226 -13.36 -0.59 5.05
CA PRO A 226 -13.54 0.07 6.35
C PRO A 226 -14.99 0.47 6.61
N GLU A 227 -15.37 0.45 7.90
CA GLU A 227 -16.79 0.47 8.29
C GLU A 227 -17.49 1.78 7.89
N ARG A 228 -16.86 2.93 8.10
CA ARG A 228 -17.56 4.17 7.78
C ARG A 228 -17.75 4.31 6.28
N CYS A 229 -16.76 3.88 5.50
CA CYS A 229 -16.87 3.94 4.04
C CYS A 229 -17.97 2.97 3.55
N ARG A 230 -18.04 1.79 4.17
CA ARG A 230 -19.10 0.83 3.86
C ARG A 230 -20.47 1.42 4.18
N ARG A 231 -20.56 2.19 5.26
CA ARG A 231 -21.88 2.72 5.62
C ARG A 231 -22.35 3.82 4.67
N GLN A 232 -21.40 4.56 4.06
CA GLN A 232 -21.73 5.59 3.08
C GLN A 232 -22.22 4.99 1.75
N PHE A 233 -21.45 4.08 1.17
CA PHE A 233 -21.74 3.60 -0.19
C PHE A 233 -22.75 2.43 -0.20
N GLN A 234 -22.76 1.65 0.88
CA GLN A 234 -23.71 0.59 1.16
C GLN A 234 -23.64 -0.61 0.23
N GLU A 235 -24.62 -1.50 0.37
CA GLU A 235 -24.54 -2.81 -0.24
C GLU A 235 -24.46 -2.69 -1.75
N GLY A 236 -23.54 -3.46 -2.33
CA GLY A 236 -23.32 -3.48 -3.76
C GLY A 236 -22.35 -2.44 -4.26
N GLU A 237 -22.04 -1.43 -3.46
CA GLU A 237 -21.21 -0.32 -3.93
C GLU A 237 -19.90 -0.18 -3.16
N GLU A 238 -19.49 -1.24 -2.44
CA GLU A 238 -18.27 -1.21 -1.65
C GLU A 238 -17.01 -1.05 -2.49
N TRP A 239 -17.04 -1.42 -3.79
CA TRP A 239 -15.88 -1.22 -4.66
C TRP A 239 -15.36 0.21 -4.57
N ASN A 240 -16.24 1.17 -4.28
CA ASN A 240 -15.84 2.57 -4.21
C ASN A 240 -14.75 2.79 -3.18
N CYS A 241 -14.75 1.99 -2.10
CA CYS A 241 -13.79 2.20 -1.00
C CYS A 241 -12.37 1.75 -1.35
N PHE A 242 -12.16 1.17 -2.54
CA PHE A 242 -10.83 0.84 -3.03
C PHE A 242 -10.14 2.02 -3.69
N PHE A 243 -10.81 3.18 -3.79
CA PHE A 243 -10.28 4.33 -4.49
C PHE A 243 -9.93 5.40 -3.46
N GLY A 244 -8.63 5.70 -3.36
CA GLY A 244 -8.10 6.50 -2.26
C GLY A 244 -8.86 7.78 -1.97
N TYR A 245 -9.22 8.53 -3.01
CA TYR A 245 -9.87 9.81 -2.75
C TYR A 245 -11.28 9.65 -2.17
N LYS A 246 -11.89 8.45 -2.26
CA LYS A 246 -13.20 8.17 -1.67
C LYS A 246 -13.10 7.60 -0.24
N VAL A 247 -12.08 6.76 0.05
CA VAL A 247 -11.97 6.13 1.38
C VAL A 247 -11.19 7.00 2.39
N TYR A 248 -10.16 7.73 1.95
CA TYR A 248 -9.37 8.60 2.82
C TYR A 248 -10.18 9.51 3.73
N PRO A 249 -11.18 10.27 3.24
CA PRO A 249 -11.94 11.17 4.16
C PRO A 249 -12.67 10.45 5.27
N THR A 250 -12.90 9.14 5.15
CA THR A 250 -13.62 8.41 6.18
C THR A 250 -12.72 7.88 7.28
N LEU A 251 -11.39 7.98 7.12
CA LEU A 251 -10.42 7.34 8.01
C LEU A 251 -10.10 8.22 9.22
N ARG A 252 -9.90 7.58 10.35
CA ARG A 252 -9.55 8.31 11.56
C ARG A 252 -8.06 8.30 11.86
N SER A 253 -7.34 7.25 11.48
CA SER A 253 -5.91 7.20 11.72
C SER A 253 -5.15 8.16 10.80
N PRO A 254 -4.06 8.75 11.28
CA PRO A 254 -3.21 9.58 10.39
C PRO A 254 -2.62 8.75 9.25
N VAL A 255 -2.72 9.25 8.00
CA VAL A 255 -2.18 8.55 6.84
C VAL A 255 -1.39 9.50 5.95
N PHE A 256 -0.14 9.15 5.66
CA PHE A 256 0.70 9.90 4.71
C PHE A 256 0.58 9.26 3.33
N VAL A 257 0.33 10.06 2.29
CA VAL A 257 0.05 9.51 0.95
C VAL A 257 1.21 9.87 0.01
N VAL A 258 1.85 8.87 -0.57
CA VAL A 258 2.90 9.04 -1.59
C VAL A 258 2.35 8.59 -2.93
N GLN A 259 2.37 9.47 -3.95
CA GLN A 259 1.79 9.10 -5.24
C GLN A 259 2.46 9.85 -6.39
N TRP A 260 3.10 9.13 -7.32
CA TRP A 260 3.51 9.77 -8.55
C TRP A 260 2.29 10.32 -9.28
N LEU A 261 2.41 11.53 -9.84
CA LEU A 261 1.30 12.12 -10.54
C LEU A 261 0.97 11.34 -11.81
N PHE A 262 1.96 10.67 -12.42
CA PHE A 262 1.80 9.89 -13.65
C PHE A 262 2.18 8.43 -13.38
N ASP A 263 1.41 7.78 -12.50
CA ASP A 263 1.73 6.40 -12.12
C ASP A 263 1.61 5.44 -13.29
N GLU A 264 2.65 4.59 -13.47
CA GLU A 264 2.69 3.65 -14.59
C GLU A 264 1.50 2.70 -14.57
N ALA A 265 1.09 2.27 -13.38
CA ALA A 265 -0.02 1.33 -13.29
C ALA A 265 -1.34 2.02 -13.63
N GLN A 266 -1.51 3.27 -13.21
CA GLN A 266 -2.66 4.08 -13.67
C GLN A 266 -2.69 4.20 -15.19
N LEU A 267 -1.55 4.51 -15.80
CA LEU A 267 -1.54 4.60 -17.26
C LEU A 267 -1.84 3.24 -17.91
N THR A 268 -1.36 2.16 -17.31
CA THR A 268 -1.63 0.85 -17.90
C THR A 268 -3.14 0.57 -17.94
N VAL A 269 -3.81 0.69 -16.80
CA VAL A 269 -5.26 0.46 -16.78
C VAL A 269 -6.00 1.45 -17.66
N ASP A 270 -5.41 2.63 -17.95
CA ASP A 270 -6.01 3.60 -18.86
C ASP A 270 -5.66 3.35 -20.34
N ASN A 271 -4.90 2.30 -20.64
CA ASN A 271 -4.47 1.97 -22.02
C ASN A 271 -3.66 3.10 -22.68
N VAL A 272 -2.72 3.66 -21.91
CA VAL A 272 -1.76 4.64 -22.40
C VAL A 272 -0.39 3.97 -22.49
N HIS A 273 0.20 3.94 -23.68
CA HIS A 273 1.53 3.36 -23.90
C HIS A 273 2.44 4.37 -24.57
N GLN A 277 7.87 8.19 -29.90
CA GLN A 277 7.22 8.94 -30.97
C GLN A 277 6.66 10.25 -30.43
N PRO A 278 6.52 11.27 -31.28
CA PRO A 278 5.86 12.50 -30.83
C PRO A 278 4.42 12.22 -30.38
N VAL A 279 4.11 12.67 -29.19
CA VAL A 279 2.77 12.52 -28.63
C VAL A 279 1.84 13.50 -29.31
N GLN A 280 0.68 13.02 -29.76
CA GLN A 280 -0.29 13.83 -30.46
C GLN A 280 -1.19 14.58 -29.49
N GLU A 281 -1.92 15.58 -30.00
CA GLU A 281 -2.65 16.49 -29.13
C GLU A 281 -3.63 15.77 -28.22
N GLY A 282 -4.40 14.80 -28.77
CA GLY A 282 -5.37 14.10 -27.94
C GLY A 282 -4.73 13.45 -26.72
N LEU A 283 -3.64 12.73 -26.93
CA LEU A 283 -2.98 12.07 -25.80
C LEU A 283 -2.32 13.08 -24.87
N ARG A 284 -1.68 14.11 -25.43
CA ARG A 284 -1.10 15.15 -24.57
C ARG A 284 -2.15 15.70 -23.60
N LEU A 285 -3.32 16.08 -24.14
CA LEU A 285 -4.39 16.59 -23.30
C LEU A 285 -4.86 15.54 -22.28
N TYR A 286 -4.91 14.25 -22.68
CA TYR A 286 -5.34 13.20 -21.74
C TYR A 286 -4.38 13.10 -20.55
N ILE A 287 -3.08 13.14 -20.84
CA ILE A 287 -2.07 13.00 -19.79
C ILE A 287 -2.06 14.23 -18.89
N GLN A 288 -2.22 15.43 -19.49
CA GLN A 288 -2.20 16.65 -18.68
C GLN A 288 -3.42 16.69 -17.76
N ASN A 289 -4.59 16.30 -18.27
CA ASN A 289 -5.78 16.27 -17.45
C ASN A 289 -5.65 15.23 -16.35
N LEU A 290 -4.92 14.15 -16.59
CA LEU A 290 -4.73 13.11 -15.58
C LEU A 290 -3.92 13.64 -14.38
N GLY A 291 -2.79 14.30 -14.64
CA GLY A 291 -2.02 14.93 -13.55
C GLY A 291 -2.78 16.02 -12.82
N ARG A 292 -3.59 16.80 -13.55
CA ARG A 292 -4.40 17.83 -12.88
C ARG A 292 -5.42 17.20 -11.93
N GLU A 293 -6.12 16.15 -12.40
CA GLU A 293 -7.10 15.48 -11.54
C GLU A 293 -6.44 14.88 -10.31
N LEU A 294 -5.30 14.20 -10.47
CA LEU A 294 -4.59 13.66 -9.31
C LEU A 294 -4.23 14.78 -8.32
N ARG A 295 -3.66 15.89 -8.81
CA ARG A 295 -3.35 17.02 -7.94
C ARG A 295 -4.59 17.49 -7.18
N HIS A 296 -5.73 17.56 -7.86
CA HIS A 296 -6.95 18.05 -7.22
C HIS A 296 -7.40 17.14 -6.09
N THR A 297 -7.29 15.82 -6.27
CA THR A 297 -7.73 14.92 -5.21
C THR A 297 -6.82 14.98 -3.99
N LEU A 298 -5.60 15.51 -4.15
CA LEU A 298 -4.68 15.62 -3.03
C LEU A 298 -4.75 16.98 -2.32
N LYS A 299 -5.57 17.93 -2.79
CA LYS A 299 -5.51 19.30 -2.25
C LYS A 299 -5.79 19.34 -0.76
N ASP A 300 -6.68 18.48 -0.25
CA ASP A 300 -7.02 18.50 1.18
C ASP A 300 -6.44 17.30 1.93
N VAL A 301 -5.39 16.67 1.40
CA VAL A 301 -4.64 15.63 2.13
C VAL A 301 -3.42 16.32 2.74
N PRO A 302 -3.38 16.52 4.06
CA PRO A 302 -2.34 17.40 4.60
C PRO A 302 -0.96 16.78 4.60
N ALA A 303 -0.83 15.44 4.67
CA ALA A 303 0.49 14.81 4.63
C ALA A 303 0.59 14.02 3.32
N SER A 304 1.36 14.56 2.36
CA SER A 304 1.44 13.86 1.09
C SER A 304 2.67 14.28 0.29
N PHE A 305 3.09 13.40 -0.65
CA PHE A 305 4.32 13.61 -1.41
C PHE A 305 4.01 13.16 -2.82
N ALA A 306 3.94 14.08 -3.78
CA ALA A 306 3.44 13.69 -5.10
C ALA A 306 4.22 14.32 -6.26
N PRO A 307 5.31 13.68 -6.70
CA PRO A 307 6.16 14.25 -7.76
C PRO A 307 5.58 14.03 -9.14
N ALA A 308 5.94 14.96 -10.05
CA ALA A 308 5.49 14.92 -11.45
C ALA A 308 6.43 14.04 -12.28
N CYS A 309 6.33 12.73 -12.04
CA CYS A 309 7.16 11.72 -12.68
C CYS A 309 6.34 10.56 -13.22
N LEU A 310 6.81 9.94 -14.30
CA LEU A 310 6.30 8.65 -14.78
C LEU A 310 7.10 7.54 -14.10
N SER A 311 6.50 6.85 -13.13
CA SER A 311 7.21 5.81 -12.37
C SER A 311 6.20 4.95 -11.60
N HIS A 312 6.69 4.03 -10.76
CA HIS A 312 5.78 3.16 -9.98
C HIS A 312 6.51 2.68 -8.72
N GLU A 313 5.91 2.91 -7.54
CA GLU A 313 6.49 2.62 -6.21
C GLU A 313 7.76 3.42 -5.89
N ILE A 314 8.10 3.50 -4.61
CA ILE A 314 9.28 4.26 -4.21
C ILE A 314 9.83 3.84 -2.84
N ILE A 315 8.98 3.50 -1.88
CA ILE A 315 9.51 3.55 -0.52
C ILE A 315 10.46 2.39 -0.19
N ILE A 316 10.42 1.24 -0.89
CA ILE A 316 11.45 0.21 -0.64
C ILE A 316 12.55 0.20 -1.70
N ARG A 317 12.61 1.23 -2.56
CA ARG A 317 13.73 1.41 -3.50
C ARG A 317 14.97 1.92 -2.79
N SER A 318 16.15 1.38 -3.15
CA SER A 318 17.38 1.74 -2.43
C SER A 318 17.70 3.23 -2.58
N HIS A 319 17.34 3.82 -3.72
CA HIS A 319 17.60 5.23 -4.00
C HIS A 319 16.38 6.11 -3.78
N TRP A 320 15.48 5.71 -2.88
CA TRP A 320 14.31 6.52 -2.58
C TRP A 320 14.66 7.87 -2.00
N THR A 321 15.89 8.05 -1.51
CA THR A 321 16.34 9.33 -0.95
C THR A 321 16.55 10.40 -1.99
N ASP A 322 16.54 10.04 -3.28
CA ASP A 322 17.02 10.94 -4.32
C ASP A 322 15.94 11.92 -4.80
N VAL A 323 14.69 11.54 -4.78
CA VAL A 323 13.64 12.37 -5.39
C VAL A 323 13.27 13.50 -4.43
N GLN A 324 13.01 14.69 -4.98
CA GLN A 324 12.66 15.86 -4.17
C GLN A 324 11.45 16.58 -4.75
N VAL A 325 10.62 17.18 -3.89
CA VAL A 325 9.55 18.07 -4.31
C VAL A 325 9.77 19.41 -3.61
N LYS A 326 9.85 20.49 -4.39
CA LYS A 326 10.12 21.82 -3.83
C LYS A 326 11.36 21.82 -2.92
N GLY A 327 12.36 20.98 -3.26
CA GLY A 327 13.63 20.91 -2.57
C GLY A 327 13.66 20.05 -1.31
N THR A 328 12.60 19.32 -0.99
CA THR A 328 12.49 18.47 0.19
C THR A 328 12.36 17.01 -0.25
N SER A 329 13.18 16.12 0.34
CA SER A 329 13.13 14.71 -0.04
C SER A 329 12.00 14.00 0.71
N LEU A 330 11.70 12.75 0.28
CA LEU A 330 10.65 12.00 0.95
C LEU A 330 11.03 11.64 2.37
N PRO A 331 12.23 11.14 2.67
CA PRO A 331 12.59 10.90 4.08
C PRO A 331 12.49 12.14 4.95
N ARG A 332 12.80 13.31 4.41
CA ARG A 332 12.66 14.53 5.23
C ARG A 332 11.20 14.83 5.48
N ALA A 333 10.34 14.71 4.45
CA ALA A 333 8.92 14.99 4.63
C ALA A 333 8.30 14.08 5.67
N LEU A 334 8.72 12.80 5.70
CA LEU A 334 8.21 11.84 6.67
C LEU A 334 8.68 12.18 8.10
N HIS A 335 9.93 12.65 8.25
CA HIS A 335 10.41 13.14 9.55
C HIS A 335 9.62 14.37 10.00
N CYS A 336 9.26 15.25 9.06
CA CYS A 336 8.45 16.44 9.41
C CYS A 336 7.05 16.01 9.87
N TRP A 337 6.50 15.00 9.21
CA TRP A 337 5.23 14.39 9.62
C TRP A 337 5.31 13.87 11.05
N ASP A 338 6.36 13.10 11.37
CA ASP A 338 6.59 12.66 12.75
C ASP A 338 6.56 13.84 13.71
N ARG A 339 7.31 14.90 13.40
CA ARG A 339 7.31 16.10 14.25
C ARG A 339 5.92 16.69 14.40
N SER A 340 5.15 16.73 13.32
CA SER A 340 3.82 17.35 13.39
C SER A 340 2.86 16.57 14.29
N LEU A 341 3.06 15.25 14.45
CA LEU A 341 2.19 14.41 15.28
C LEU A 341 2.63 14.35 16.75
N HIS A 342 3.63 15.12 17.14
CA HIS A 342 4.03 15.17 18.56
C HIS A 342 2.88 15.58 19.50
N PRO A 351 2.61 23.20 10.58
CA PRO A 351 2.98 24.57 10.93
C PRO A 351 4.42 24.68 11.34
N LEU A 352 5.31 23.87 10.77
CA LEU A 352 6.71 23.85 11.16
C LEU A 352 7.54 24.68 10.19
N LYS A 353 8.54 25.36 10.73
CA LYS A 353 9.41 26.24 9.97
C LYS A 353 10.37 25.42 9.12
N GLY A 354 10.26 25.53 7.79
CA GLY A 354 11.19 24.80 6.93
C GLY A 354 11.09 23.29 7.00
N CYS A 355 9.99 22.75 7.52
CA CYS A 355 9.79 21.29 7.65
C CYS A 355 8.39 20.97 7.10
N PRO A 356 8.23 20.98 5.78
CA PRO A 356 6.90 20.79 5.19
C PRO A 356 6.46 19.33 5.17
N VAL A 357 5.14 19.15 5.16
CA VAL A 357 4.55 17.83 5.08
C VAL A 357 3.64 17.64 3.88
N HIS A 358 3.17 18.74 3.24
CA HIS A 358 2.31 18.66 2.06
C HIS A 358 3.11 19.11 0.84
N LEU A 359 3.51 18.16 -0.02
CA LEU A 359 4.48 18.43 -1.09
C LEU A 359 3.95 17.85 -2.41
N VAL A 360 3.26 18.68 -3.21
CA VAL A 360 2.62 18.20 -4.44
C VAL A 360 3.12 19.06 -5.60
N ASP A 361 3.72 18.43 -6.63
CA ASP A 361 4.25 19.21 -7.74
C ASP A 361 3.10 19.88 -8.49
N SER A 362 3.38 21.07 -9.04
CA SER A 362 2.39 21.74 -9.88
C SER A 362 2.71 21.70 -11.36
N CYS A 363 3.88 21.25 -11.75
CA CYS A 363 4.16 21.29 -13.18
C CYS A 363 3.46 20.12 -13.90
N PRO A 364 3.14 20.27 -15.18
CA PRO A 364 2.08 19.45 -15.76
C PRO A 364 2.51 18.32 -16.70
N TRP A 365 3.79 17.96 -16.76
CA TRP A 365 4.22 16.89 -17.67
C TRP A 365 5.23 15.97 -17.00
N PRO A 366 5.23 14.67 -17.31
CA PRO A 366 6.24 13.77 -16.69
C PRO A 366 7.67 14.26 -16.87
N HIS A 367 8.44 14.21 -15.78
CA HIS A 367 9.84 14.64 -15.71
C HIS A 367 10.01 16.15 -15.85
N CYS A 368 8.97 16.94 -15.62
CA CYS A 368 9.21 18.38 -15.42
C CYS A 368 9.91 18.64 -14.08
N ASN A 369 9.95 17.66 -13.19
CA ASN A 369 10.72 17.72 -11.96
C ASN A 369 12.08 17.07 -12.20
N PRO A 370 13.20 17.78 -12.05
CA PRO A 370 14.48 17.23 -12.51
C PRO A 370 14.98 16.07 -11.66
N SER A 371 14.43 15.84 -10.46
CA SER A 371 14.90 14.75 -9.61
C SER A 371 14.17 13.44 -9.86
N CYS A 372 13.35 13.35 -10.92
CA CYS A 372 12.58 12.12 -11.18
C CYS A 372 13.52 10.94 -11.43
N PRO A 373 13.13 9.73 -11.04
CA PRO A 373 13.97 8.55 -11.36
C PRO A 373 14.21 8.40 -12.87
N THR A 374 15.38 7.85 -13.19
CA THR A 374 15.87 7.81 -14.56
C THR A 374 15.60 6.46 -15.28
C1 NAG B . -6.90 -18.57 13.78
C2 NAG B . -7.56 -18.28 15.13
C3 NAG B . -9.08 -18.27 15.00
C4 NAG B . -9.53 -17.37 13.85
C5 NAG B . -8.80 -17.74 12.57
C6 NAG B . -9.11 -16.79 11.44
C7 NAG B . -6.29 -18.95 17.11
C8 NAG B . -5.97 -20.06 18.06
N2 NAG B . -7.15 -19.25 16.13
O3 NAG B . -9.62 -17.75 16.21
O4 NAG B . -10.93 -17.52 13.65
O5 NAG B . -7.38 -17.67 12.79
O6 NAG B . -8.81 -15.45 11.81
O7 NAG B . -5.80 -17.83 17.23
S SO4 C . -14.55 -3.35 10.61
O1 SO4 C . -14.06 -2.45 11.66
O2 SO4 C . -15.95 -3.67 10.86
O3 SO4 C . -14.41 -2.66 9.33
O4 SO4 C . -13.76 -4.58 10.57
S SO4 D . 7.24 -18.16 -9.31
O1 SO4 D . 6.82 -17.11 -8.39
O2 SO4 D . 8.47 -17.80 -10.01
O3 SO4 D . 6.14 -18.45 -10.28
O4 SO4 D . 7.49 -19.37 -8.56
S SO4 E . -13.63 -21.33 -7.96
O1 SO4 E . -12.31 -20.72 -7.94
O2 SO4 E . -14.01 -21.83 -6.63
O3 SO4 E . -14.60 -20.35 -8.46
O4 SO4 E . -13.63 -22.49 -8.89
S SO4 F . -20.10 7.53 12.86
O1 SO4 F . -19.01 7.09 13.71
O2 SO4 F . -20.76 8.66 13.52
O3 SO4 F . -19.57 7.93 11.55
O4 SO4 F . -21.06 6.45 12.66
C13 U4T G . -6.02 -0.80 -6.62
C15 U4T G . -8.11 0.25 -7.31
C01 U4T G . -6.44 -0.37 -8.98
C02 U4T G . -5.96 -0.44 -10.44
C03 U4T G . -4.47 -0.31 -10.59
C04 U4T G . -3.70 -1.10 -9.54
C05 U4T G . -2.36 -1.64 -9.63
C06 U4T G . -1.87 -2.34 -8.51
C07 U4T G . -0.48 -3.00 -8.37
C11 U4T G . -4.30 -1.41 -8.30
C12 U4T G . -5.63 -0.89 -7.96
C14 U4T G . -7.26 -0.24 -6.30
C16 U4T G . -7.69 0.18 -8.65
O08 U4T G . -0.10 -3.76 -7.39
O09 U4T G . 0.36 -2.69 -9.25
S10 U4T G . -3.16 -2.30 -7.41
#